data_7HL6
#
_entry.id   7HL6
#
_cell.length_a   82.484
_cell.length_b   116.715
_cell.length_c   148.712
_cell.angle_alpha   90.00
_cell.angle_beta   90.00
_cell.angle_gamma   90.00
#
_symmetry.space_group_name_H-M   'I 2 2 2'
#
loop_
_entity.id
_entity.type
_entity.pdbx_description
1 polymer 'Genome polyprotein'
2 non-polymer 'ZINC ION'
3 non-polymer '2-(N-MORPHOLINO)-ETHANESULFONIC ACID'
4 non-polymer 'DIMETHYL SULFOXIDE'
5 non-polymer DI(HYDROXYETHYL)ETHER
6 non-polymer 'PHOSPHATE ION'
7 non-polymer 1-(pyridin-2-yl)piperidin-4-one
8 water water
#
_entity_poly.entity_id   1
_entity_poly.type   'polypeptide(L)'
_entity_poly.pdbx_seq_one_letter_code
;GPGIESETPNLDIIGKRIEKIKQEHETSWHYDQDHPYKTWAYHGSYETKQTGSASSMVNGVVRLLTKPWDIIPMVTQMAM
TDTTPFGQQRVFKEKVDTRTQEPKEGTKKLMKITAEWLWKELGKKKTPRMCTREEFTRKVRSNAALGAIFTDENKWKSAR
EAVEDSGFWELVDKERNLHLEGKCETCVYNMMGKREKKLGEFGKAKGSRAIWYMWLGARFLEFEALGFLNEDHWFSRENS
LSGVEGEGLHKLGYILRDVSKKEGGAMYADDTAGWDTRITLEDLKNEEMVTNHMEGEHKKLAEAIFKLTYQNKVVRVQRP
TPRGTVMDIISRRDQRGSGQVVTYGLNTFTNMEAQLIRQMEGEGVFKSIQHLTVTEEIAVKNWLVRVGRERLSRMAISGD
DCVVKPLDDRFASALTALNDMGKVRKDIQQWEPSRGWNDWTQVPFCSHHFHELIMKDGRVLVVPCRNQDELIGRARISQG
AGWSLRETACLGKSYAQMWSLMYFHRRDLRLAANAICSAVPSHWVPTSRTTWSIHATHEWMTTEDMLTVWNRVWIQENPW
MEDKTPVESWEEIPYLGKREDQWCGSLIGLTSRATWAKNIQTAINQVRSLIGNEEYTDYMPSMKRFRREEEEAGVLW
;
_entity_poly.pdbx_strand_id   A
#
# COMPACT_ATOMS: atom_id res chain seq x y z
N ASN A 10 -9.72 5.01 29.74
CA ASN A 10 -9.93 3.54 29.88
C ASN A 10 -11.44 3.27 29.73
N LEU A 11 -12.08 2.62 30.70
CA LEU A 11 -13.34 1.84 30.54
C LEU A 11 -14.55 2.74 30.29
N ASP A 12 -14.45 4.03 30.62
CA ASP A 12 -15.49 5.04 30.29
C ASP A 12 -15.68 5.12 28.76
N ILE A 13 -14.59 5.10 27.97
CA ILE A 13 -14.63 5.28 26.48
C ILE A 13 -14.91 3.93 25.79
N ILE A 14 -14.36 2.82 26.32
CA ILE A 14 -14.45 1.48 25.67
C ILE A 14 -15.53 0.58 26.31
N GLY A 15 -15.97 0.89 27.54
CA GLY A 15 -16.93 0.08 28.35
C GLY A 15 -18.21 -0.24 27.60
N LYS A 16 -18.78 0.76 26.92
CA LYS A 16 -20.07 0.68 26.19
C LYS A 16 -19.98 -0.37 25.08
N ARG A 17 -18.92 -0.35 24.27
CA ARG A 17 -18.66 -1.38 23.22
C ARG A 17 -18.54 -2.75 23.89
N ILE A 18 -17.84 -2.81 25.02
CA ILE A 18 -17.55 -4.07 25.76
C ILE A 18 -18.88 -4.60 26.31
N GLU A 19 -19.60 -3.77 27.10
CA GLU A 19 -20.96 -4.06 27.60
C GLU A 19 -21.78 -4.72 26.50
N LYS A 20 -21.98 -4.03 25.38
CA LYS A 20 -22.87 -4.46 24.27
C LYS A 20 -22.50 -5.88 23.80
N ILE A 21 -21.21 -6.20 23.66
CA ILE A 21 -20.75 -7.53 23.15
C ILE A 21 -21.00 -8.60 24.23
N LYS A 22 -20.67 -8.29 25.49
CA LYS A 22 -20.94 -9.14 26.68
C LYS A 22 -22.35 -9.75 26.59
N GLN A 23 -23.37 -8.91 26.35
CA GLN A 23 -24.80 -9.30 26.39
C GLN A 23 -25.20 -10.21 25.23
N GLU A 24 -24.64 -9.99 24.02
CA GLU A 24 -24.99 -10.78 22.81
C GLU A 24 -24.44 -12.21 22.96
N HIS A 25 -23.54 -12.43 23.92
CA HIS A 25 -22.93 -13.76 24.23
C HIS A 25 -22.96 -13.97 25.75
N GLU A 26 -24.06 -13.57 26.41
CA GLU A 26 -24.29 -13.67 27.88
C GLU A 26 -24.22 -15.15 28.31
N THR A 27 -24.62 -16.07 27.43
CA THR A 27 -24.57 -17.54 27.64
C THR A 27 -23.12 -18.01 27.83
N SER A 28 -22.15 -17.37 27.15
CA SER A 28 -20.77 -17.88 26.94
C SER A 28 -19.70 -17.04 27.68
N TRP A 29 -20.07 -15.97 28.37
CA TRP A 29 -19.09 -14.97 28.89
C TRP A 29 -18.32 -15.53 30.09
N HIS A 30 -16.98 -15.47 30.05
CA HIS A 30 -16.06 -15.98 31.11
C HIS A 30 -14.72 -15.25 31.07
N TYR A 31 -14.31 -14.62 32.17
CA TYR A 31 -12.93 -14.06 32.34
C TYR A 31 -11.95 -15.23 32.42
N ASP A 32 -11.53 -15.76 31.27
CA ASP A 32 -10.48 -16.81 31.13
C ASP A 32 -9.22 -16.38 31.89
N GLN A 33 -8.59 -17.32 32.62
CA GLN A 33 -7.43 -17.08 33.50
C GLN A 33 -6.13 -17.47 32.77
N ASP A 34 -6.23 -18.27 31.70
CA ASP A 34 -5.10 -18.75 30.87
C ASP A 34 -5.00 -17.92 29.59
N HIS A 35 -5.28 -16.60 29.65
CA HIS A 35 -5.27 -15.67 28.48
C HIS A 35 -3.82 -15.30 28.13
N PRO A 36 -3.41 -15.43 26.83
CA PRO A 36 -2.02 -15.20 26.44
C PRO A 36 -1.54 -13.74 26.34
N TYR A 37 -2.40 -12.75 26.60
CA TYR A 37 -2.10 -11.31 26.35
C TYR A 37 -1.25 -10.79 27.50
N LYS A 38 -0.25 -9.96 27.16
CA LYS A 38 0.61 -9.22 28.11
C LYS A 38 0.47 -7.71 27.90
N THR A 39 0.54 -7.22 26.65
CA THR A 39 0.56 -5.77 26.31
C THR A 39 -0.86 -5.27 25.98
N TRP A 40 -1.74 -6.17 25.50
CA TRP A 40 -3.19 -5.94 25.30
C TRP A 40 -3.93 -6.12 26.63
N ALA A 41 -4.75 -5.13 27.03
CA ALA A 41 -5.75 -5.25 28.11
C ALA A 41 -6.83 -6.23 27.67
N TYR A 42 -7.03 -7.28 28.47
CA TYR A 42 -8.01 -8.37 28.28
C TYR A 42 -9.27 -8.00 29.06
N HIS A 43 -10.44 -8.49 28.59
CA HIS A 43 -11.77 -8.17 29.15
C HIS A 43 -12.59 -9.45 29.35
N GLY A 44 -12.72 -10.27 28.30
CA GLY A 44 -13.48 -11.54 28.38
C GLY A 44 -13.40 -12.34 27.10
N SER A 45 -14.05 -13.51 27.09
CA SER A 45 -14.13 -14.47 25.96
C SER A 45 -15.58 -14.92 25.76
N TYR A 46 -15.85 -15.62 24.65
CA TYR A 46 -17.18 -16.17 24.27
C TYR A 46 -17.00 -17.19 23.12
N GLU A 47 -18.03 -18.01 22.90
CA GLU A 47 -18.00 -19.23 22.03
C GLU A 47 -18.19 -18.82 20.57
N THR A 48 -17.35 -19.36 19.67
CA THR A 48 -17.45 -19.25 18.18
C THR A 48 -16.87 -20.53 17.57
N LYS A 49 -16.83 -20.65 16.25
CA LYS A 49 -16.27 -21.84 15.53
C LYS A 49 -16.25 -21.57 14.02
N GLN A 50 -15.10 -21.16 13.48
CA GLN A 50 -14.88 -20.92 12.03
C GLN A 50 -13.39 -20.61 11.79
N THR A 51 -13.01 -20.27 10.55
CA THR A 51 -11.64 -19.86 10.14
C THR A 51 -11.28 -18.54 10.86
N ALA A 54 -9.13 -19.25 4.36
CA ALA A 54 -9.12 -18.52 3.07
C ALA A 54 -7.72 -18.62 2.44
N SER A 55 -7.36 -19.80 1.92
CA SER A 55 -6.05 -20.12 1.29
C SER A 55 -5.94 -19.51 -0.11
N SER A 56 -4.73 -19.44 -0.66
CA SER A 56 -4.45 -18.92 -2.01
C SER A 56 -4.72 -20.03 -3.05
N MET A 57 -5.50 -19.71 -4.08
CA MET A 57 -5.96 -20.68 -5.11
C MET A 57 -5.14 -20.43 -6.38
N VAL A 58 -4.88 -21.45 -7.20
CA VAL A 58 -4.07 -21.26 -8.43
C VAL A 58 -4.95 -20.76 -9.58
N ASN A 59 -4.46 -19.76 -10.33
CA ASN A 59 -5.03 -19.31 -11.62
C ASN A 59 -4.56 -20.25 -12.74
N GLY A 60 -5.43 -21.15 -13.17
CA GLY A 60 -5.15 -22.17 -14.20
C GLY A 60 -4.81 -21.59 -15.57
N VAL A 61 -5.42 -20.46 -15.94
CA VAL A 61 -5.09 -19.81 -17.23
C VAL A 61 -3.65 -19.34 -17.22
N VAL A 62 -3.20 -18.65 -16.18
CA VAL A 62 -1.79 -18.14 -16.14
C VAL A 62 -0.85 -19.34 -16.01
N ARG A 63 -1.17 -20.33 -15.18
CA ARG A 63 -0.22 -21.45 -14.96
C ARG A 63 -0.04 -22.24 -16.25
N LEU A 64 -1.11 -22.52 -16.99
CA LEU A 64 -0.95 -23.32 -18.24
C LEU A 64 -0.11 -22.57 -19.27
N LEU A 65 -0.04 -21.24 -19.22
CA LEU A 65 0.78 -20.43 -20.18
C LEU A 65 2.16 -20.05 -19.63
N THR A 66 2.52 -20.56 -18.46
CA THR A 66 3.86 -20.36 -17.86
C THR A 66 4.48 -21.71 -17.44
N LYS A 67 4.46 -22.70 -18.30
CA LYS A 67 4.89 -24.08 -17.94
C LYS A 67 6.32 -24.13 -17.41
N PRO A 68 7.33 -23.42 -17.96
CA PRO A 68 8.70 -23.57 -17.47
C PRO A 68 8.82 -23.32 -15.96
N TRP A 69 7.94 -22.47 -15.41
CA TRP A 69 7.97 -22.07 -13.97
C TRP A 69 7.32 -23.16 -13.11
N ASP A 70 6.74 -24.22 -13.70
CA ASP A 70 6.14 -25.32 -12.90
C ASP A 70 7.21 -26.09 -12.09
N ILE A 71 8.48 -25.95 -12.45
CA ILE A 71 9.60 -26.66 -11.77
C ILE A 71 10.52 -25.67 -11.05
N ILE A 72 10.08 -24.43 -10.83
CA ILE A 72 10.90 -23.39 -10.12
C ILE A 72 10.28 -23.22 -8.74
N PRO A 73 10.95 -23.70 -7.66
CA PRO A 73 10.35 -23.64 -6.33
C PRO A 73 10.02 -22.23 -5.86
N MET A 74 10.80 -21.22 -6.24
CA MET A 74 10.45 -19.85 -5.78
C MET A 74 9.08 -19.42 -6.33
N VAL A 75 8.63 -19.95 -7.47
CA VAL A 75 7.27 -19.67 -8.02
C VAL A 75 6.26 -20.61 -7.35
N THR A 76 6.50 -21.92 -7.39
CA THR A 76 5.51 -22.93 -7.00
C THR A 76 5.21 -22.86 -5.50
N GLN A 77 6.21 -22.52 -4.66
CA GLN A 77 6.02 -22.45 -3.19
C GLN A 77 5.15 -21.26 -2.80
N MET A 78 5.07 -20.20 -3.62
CA MET A 78 4.26 -19.00 -3.29
C MET A 78 2.77 -19.36 -3.17
N ALA A 79 2.30 -20.39 -3.88
CA ALA A 79 0.88 -20.79 -3.90
C ALA A 79 0.54 -21.72 -2.71
N MET A 80 1.52 -22.22 -1.98
CA MET A 80 1.26 -23.21 -0.88
C MET A 80 0.90 -22.52 0.45
N THR A 81 0.04 -23.18 1.26
CA THR A 81 -0.12 -22.91 2.71
C THR A 81 -1.44 -22.21 3.02
N PHE A 92 3.99 -11.62 12.33
CA PHE A 92 4.27 -12.13 13.69
C PHE A 92 3.24 -11.54 14.67
N LYS A 93 2.45 -12.40 15.34
CA LYS A 93 1.45 -12.00 16.38
C LYS A 93 2.16 -11.95 17.76
N GLU A 94 3.46 -12.25 17.77
CA GLU A 94 4.40 -11.97 18.90
C GLU A 94 5.13 -10.65 18.63
N LYS A 95 4.62 -9.84 17.69
CA LYS A 95 5.04 -8.43 17.44
C LYS A 95 3.87 -7.47 17.74
N VAL A 96 2.62 -7.85 17.46
CA VAL A 96 1.42 -7.07 17.86
C VAL A 96 1.36 -7.01 19.40
N ASP A 97 1.75 -8.11 20.08
CA ASP A 97 1.74 -8.20 21.57
C ASP A 97 3.15 -7.88 22.10
N THR A 98 3.73 -6.75 21.67
CA THR A 98 4.89 -6.07 22.33
C THR A 98 4.48 -4.62 22.61
N ARG A 99 5.35 -3.85 23.27
CA ARG A 99 5.07 -2.46 23.72
C ARG A 99 6.18 -1.52 23.22
N THR A 100 5.86 -0.23 23.06
CA THR A 100 6.81 0.87 22.75
C THR A 100 6.90 1.78 23.96
N GLN A 101 8.10 2.28 24.29
CA GLN A 101 8.34 3.19 25.44
C GLN A 101 7.93 4.63 25.04
N GLU A 102 7.58 5.46 26.04
CA GLU A 102 7.30 6.90 25.86
C GLU A 102 8.57 7.61 25.39
N PRO A 103 8.53 8.36 24.27
CA PRO A 103 9.67 9.18 23.87
C PRO A 103 10.04 10.22 24.95
N LYS A 104 11.29 10.65 24.97
CA LYS A 104 11.83 11.71 25.86
C LYS A 104 11.14 13.04 25.53
N GLU A 105 11.31 14.05 26.39
CA GLU A 105 10.61 15.36 26.29
C GLU A 105 11.11 16.12 25.05
N GLY A 106 12.43 16.07 24.78
CA GLY A 106 13.03 16.68 23.58
C GLY A 106 12.43 16.08 22.31
N THR A 107 12.26 14.76 22.26
CA THR A 107 11.70 14.04 21.09
C THR A 107 10.23 14.44 20.90
N LYS A 108 9.43 14.38 21.97
CA LYS A 108 8.03 14.86 21.99
C LYS A 108 7.92 16.30 21.46
N LYS A 109 8.82 17.21 21.86
CA LYS A 109 8.79 18.61 21.35
C LYS A 109 9.07 18.64 19.84
N LEU A 110 10.09 17.90 19.38
CA LEU A 110 10.51 17.88 17.94
C LEU A 110 9.32 17.41 17.09
N MET A 111 8.67 16.36 17.54
CA MET A 111 7.51 15.75 16.82
C MET A 111 6.33 16.74 16.77
N LYS A 112 6.05 17.47 17.87
CA LYS A 112 4.87 18.37 17.95
C LYS A 112 5.08 19.55 17.03
N ILE A 113 6.26 20.16 17.08
CA ILE A 113 6.67 21.31 16.20
C ILE A 113 6.60 20.88 14.72
N THR A 114 7.21 19.74 14.38
CA THR A 114 7.25 19.23 12.99
C THR A 114 5.82 18.92 12.50
N ALA A 115 5.03 18.23 13.31
CA ALA A 115 3.65 17.84 12.94
C ALA A 115 2.79 19.10 12.72
N GLU A 116 2.89 20.09 13.62
CA GLU A 116 2.17 21.39 13.46
C GLU A 116 2.54 22.01 12.10
N TRP A 117 3.83 22.11 11.81
CA TRP A 117 4.32 22.73 10.57
C TRP A 117 3.81 21.91 9.35
N LEU A 118 3.83 20.58 9.45
CA LEU A 118 3.55 19.71 8.28
C LEU A 118 2.07 19.77 7.92
N TRP A 119 1.16 19.68 8.89
CA TRP A 119 -0.30 19.83 8.61
C TRP A 119 -0.60 21.20 7.96
N LYS A 120 0.01 22.29 8.43
CA LYS A 120 -0.15 23.61 7.77
C LYS A 120 0.35 23.55 6.34
N GLU A 121 1.53 22.97 6.05
CA GLU A 121 2.03 22.92 4.65
C GLU A 121 1.04 22.11 3.81
N LEU A 122 0.58 20.96 4.33
CA LEU A 122 -0.28 20.06 3.52
C LEU A 122 -1.63 20.78 3.28
N GLY A 123 -2.04 21.63 4.24
CA GLY A 123 -3.31 22.39 4.24
C GLY A 123 -3.27 23.68 3.43
N LYS A 124 -2.12 24.17 2.98
CA LYS A 124 -2.06 25.48 2.27
C LYS A 124 -2.93 25.47 1.00
N LYS A 125 -2.88 24.42 0.19
CA LYS A 125 -3.62 24.37 -1.08
C LYS A 125 -4.78 23.36 -1.05
N LYS A 126 -5.24 22.93 0.12
CA LYS A 126 -6.30 21.90 0.25
C LYS A 126 -7.28 22.37 1.31
N THR A 127 -8.52 21.89 1.25
CA THR A 127 -9.57 22.22 2.26
C THR A 127 -10.15 20.94 2.83
N PRO A 128 -9.96 20.66 4.13
CA PRO A 128 -10.59 19.50 4.73
C PRO A 128 -12.11 19.58 4.55
N ARG A 129 -12.75 18.43 4.33
CA ARG A 129 -14.20 18.33 4.06
C ARG A 129 -14.67 16.88 4.32
N MET A 130 -15.97 16.72 4.59
CA MET A 130 -16.58 15.37 4.79
C MET A 130 -16.76 14.70 3.44
N CYS A 131 -16.54 13.39 3.42
CA CYS A 131 -16.89 12.54 2.27
C CYS A 131 -18.35 12.07 2.43
N THR A 132 -19.01 11.76 1.32
CA THR A 132 -20.50 11.66 1.26
C THR A 132 -20.91 10.18 1.22
N ARG A 133 -22.16 9.93 1.61
CA ARG A 133 -22.86 8.63 1.40
C ARG A 133 -22.72 8.22 -0.06
N GLU A 134 -22.94 9.15 -1.00
CA GLU A 134 -22.84 8.87 -2.46
C GLU A 134 -21.41 8.40 -2.79
N GLU A 135 -20.40 9.14 -2.31
CA GLU A 135 -18.98 8.76 -2.55
C GLU A 135 -18.72 7.36 -1.98
N PHE A 136 -19.20 7.09 -0.76
CA PHE A 136 -19.05 5.77 -0.10
C PHE A 136 -19.77 4.69 -0.93
N THR A 137 -21.02 4.96 -1.30
CA THR A 137 -21.88 4.07 -2.12
C THR A 137 -21.19 3.73 -3.44
N ARG A 138 -20.65 4.74 -4.13
CA ARG A 138 -19.96 4.59 -5.44
C ARG A 138 -18.74 3.69 -5.28
N LYS A 139 -17.99 3.88 -4.18
CA LYS A 139 -16.79 3.04 -3.87
C LYS A 139 -17.22 1.58 -3.69
N VAL A 140 -18.33 1.33 -2.98
CA VAL A 140 -18.81 -0.07 -2.69
C VAL A 140 -19.35 -0.68 -4.00
N ARG A 141 -19.90 0.15 -4.91
CA ARG A 141 -20.53 -0.30 -6.20
C ARG A 141 -19.48 -0.38 -7.32
N SER A 142 -18.19 -0.30 -7.00
CA SER A 142 -17.08 -0.63 -7.95
C SER A 142 -15.93 -1.31 -7.22
N ASN A 143 -16.25 -2.04 -6.15
CA ASN A 143 -15.33 -2.99 -5.45
C ASN A 143 -14.02 -2.29 -5.04
N ALA A 144 -14.06 -1.50 -3.97
CA ALA A 144 -12.87 -1.03 -3.23
C ALA A 144 -12.77 -1.84 -1.94
N ALA A 145 -11.55 -2.20 -1.52
CA ALA A 145 -11.25 -2.98 -0.31
C ALA A 145 -11.41 -2.09 0.93
N LEU A 146 -12.65 -1.98 1.44
CA LEU A 146 -13.02 -1.13 2.60
C LEU A 146 -12.98 -1.94 3.90
N GLY A 147 -12.16 -3.01 3.95
CA GLY A 147 -11.93 -3.87 5.13
C GLY A 147 -13.15 -3.96 6.05
N ALA A 148 -14.29 -4.38 5.51
CA ALA A 148 -15.58 -4.56 6.25
C ALA A 148 -15.83 -6.06 6.49
N ILE A 149 -16.83 -6.40 7.31
CA ILE A 149 -17.21 -7.81 7.68
C ILE A 149 -18.59 -8.13 7.09
N PHE A 150 -18.88 -9.42 6.87
CA PHE A 150 -20.16 -9.94 6.31
C PHE A 150 -21.35 -9.32 7.06
N ASN A 154 -24.66 -10.48 11.33
CA ASN A 154 -24.95 -10.15 9.91
C ASN A 154 -26.46 -9.98 9.71
N LYS A 155 -26.85 -9.03 8.85
CA LYS A 155 -28.26 -8.60 8.60
C LYS A 155 -28.51 -8.41 7.08
N TRP A 156 -27.47 -7.99 6.33
CA TRP A 156 -27.41 -7.95 4.85
C TRP A 156 -26.29 -8.87 4.37
N LYS A 157 -26.36 -9.38 3.14
CA LYS A 157 -25.36 -10.34 2.59
C LYS A 157 -24.01 -9.63 2.45
N SER A 158 -23.90 -8.69 1.51
CA SER A 158 -22.66 -7.96 1.14
C SER A 158 -22.82 -6.47 1.42
N ALA A 159 -21.75 -5.70 1.17
CA ALA A 159 -21.69 -4.22 1.27
C ALA A 159 -22.68 -3.60 0.27
N ARG A 160 -22.74 -4.14 -0.95
CA ARG A 160 -23.62 -3.64 -2.04
C ARG A 160 -25.09 -3.59 -1.56
N GLU A 161 -25.54 -4.56 -0.77
CA GLU A 161 -26.95 -4.68 -0.29
C GLU A 161 -27.21 -3.75 0.90
N ALA A 162 -26.27 -3.66 1.86
CA ALA A 162 -26.38 -2.80 3.06
C ALA A 162 -26.60 -1.33 2.63
N VAL A 163 -25.85 -0.92 1.61
CA VAL A 163 -25.76 0.49 1.12
C VAL A 163 -27.06 0.89 0.42
N GLU A 164 -27.80 -0.08 -0.11
CA GLU A 164 -29.10 0.16 -0.81
C GLU A 164 -30.26 0.15 0.21
N ASP A 165 -30.06 -0.46 1.37
CA ASP A 165 -31.10 -0.59 2.44
C ASP A 165 -31.03 0.62 3.40
N SER A 166 -32.19 1.25 3.60
CA SER A 166 -32.37 2.46 4.46
C SER A 166 -32.14 2.14 5.94
N GLY A 167 -32.29 0.87 6.36
CA GLY A 167 -32.15 0.45 7.77
C GLY A 167 -30.71 0.55 8.24
N PHE A 168 -29.78 0.12 7.39
CA PHE A 168 -28.31 0.33 7.54
C PHE A 168 -28.05 1.79 7.90
N TRP A 169 -28.48 2.72 7.04
CA TRP A 169 -28.20 4.17 7.23
C TRP A 169 -28.77 4.66 8.57
N GLU A 170 -29.81 4.01 9.11
CA GLU A 170 -30.39 4.40 10.44
C GLU A 170 -29.45 3.93 11.56
N LEU A 171 -28.80 2.77 11.39
CA LEU A 171 -27.77 2.29 12.36
C LEU A 171 -26.59 3.26 12.32
N VAL A 172 -26.13 3.59 11.10
CA VAL A 172 -25.09 4.62 10.81
C VAL A 172 -25.50 5.91 11.53
N ASP A 173 -26.73 6.39 11.30
CA ASP A 173 -27.27 7.61 11.98
C ASP A 173 -27.14 7.47 13.51
N LYS A 174 -27.54 6.34 14.09
CA LYS A 174 -27.49 6.18 15.57
C LYS A 174 -26.04 6.38 16.06
N GLU A 175 -25.09 5.65 15.47
CA GLU A 175 -23.65 5.74 15.85
C GLU A 175 -23.17 7.17 15.65
N ARG A 176 -23.52 7.76 14.51
CA ARG A 176 -23.08 9.13 14.14
C ARG A 176 -23.45 10.11 15.25
N ASN A 177 -24.68 10.05 15.75
CA ASN A 177 -25.17 10.96 16.83
C ASN A 177 -24.46 10.64 18.14
N LEU A 178 -24.14 9.36 18.40
CA LEU A 178 -23.30 8.96 19.56
C LEU A 178 -21.91 9.61 19.47
N HIS A 179 -21.25 9.57 18.31
CA HIS A 179 -19.94 10.25 18.05
C HIS A 179 -20.05 11.78 18.31
N LEU A 180 -21.10 12.46 17.80
CA LEU A 180 -21.34 13.91 18.06
C LEU A 180 -21.47 14.16 19.57
N GLU A 181 -21.90 13.16 20.32
CA GLU A 181 -22.07 13.21 21.80
C GLU A 181 -20.78 12.75 22.50
N GLY A 182 -19.77 12.30 21.75
CA GLY A 182 -18.43 11.95 22.27
C GLY A 182 -18.34 10.52 22.81
N LYS A 183 -19.21 9.61 22.35
CA LYS A 183 -19.34 8.22 22.85
C LYS A 183 -19.39 7.26 21.64
N CYS A 184 -19.15 5.97 21.84
CA CYS A 184 -19.08 4.94 20.77
C CYS A 184 -19.74 3.64 21.26
N GLU A 185 -20.50 2.96 20.40
CA GLU A 185 -21.18 1.69 20.80
C GLU A 185 -20.77 0.52 19.90
N THR A 186 -20.52 0.75 18.60
CA THR A 186 -20.41 -0.36 17.62
C THR A 186 -19.11 -0.32 16.80
N CYS A 187 -18.20 0.64 17.03
CA CYS A 187 -16.92 0.73 16.25
C CYS A 187 -15.84 -0.17 16.91
N VAL A 188 -15.87 -1.45 16.55
CA VAL A 188 -15.04 -2.56 17.11
C VAL A 188 -14.24 -3.23 16.00
N TYR A 189 -12.95 -3.46 16.22
CA TYR A 189 -12.08 -4.13 15.23
C TYR A 189 -12.21 -5.65 15.37
N ASN A 190 -12.03 -6.34 14.25
CA ASN A 190 -11.96 -7.82 14.13
C ASN A 190 -10.62 -8.18 13.46
N MET A 191 -9.75 -8.90 14.16
CA MET A 191 -8.34 -9.16 13.74
C MET A 191 -8.31 -10.39 12.83
N MET A 192 -7.33 -10.45 11.90
CA MET A 192 -7.10 -11.57 10.94
C MET A 192 -5.80 -11.34 10.15
N SER A 208 4.50 -10.70 8.73
CA SER A 208 4.59 -9.28 9.15
C SER A 208 3.37 -8.49 8.63
N ARG A 209 2.17 -9.09 8.70
CA ARG A 209 0.89 -8.53 8.21
C ARG A 209 -0.19 -8.71 9.29
N ALA A 210 -1.25 -7.90 9.21
CA ALA A 210 -2.43 -7.88 10.10
C ALA A 210 -3.46 -6.89 9.56
N ILE A 211 -4.70 -7.33 9.31
CA ILE A 211 -5.82 -6.47 8.82
C ILE A 211 -6.90 -6.41 9.90
N TRP A 212 -7.47 -5.21 10.08
CA TRP A 212 -8.43 -4.87 11.16
C TRP A 212 -9.77 -4.54 10.52
N TYR A 213 -10.50 -5.57 10.08
CA TYR A 213 -11.87 -5.46 9.51
C TYR A 213 -12.81 -4.84 10.56
N MET A 214 -13.70 -3.96 10.13
CA MET A 214 -14.79 -3.36 10.96
C MET A 214 -16.11 -3.60 10.25
N TRP A 215 -17.24 -3.39 10.91
CA TRP A 215 -18.55 -3.43 10.20
C TRP A 215 -18.64 -2.21 9.27
N LEU A 216 -19.39 -2.33 8.17
CA LEU A 216 -19.40 -1.35 7.07
C LEU A 216 -19.75 0.04 7.62
N GLY A 217 -20.62 0.12 8.64
CA GLY A 217 -21.04 1.34 9.34
C GLY A 217 -19.91 2.11 9.97
N ALA A 218 -19.06 1.45 10.76
CA ALA A 218 -17.85 2.04 11.39
C ALA A 218 -16.92 2.55 10.29
N ARG A 219 -16.80 1.80 9.19
CA ARG A 219 -15.93 2.13 8.02
C ARG A 219 -16.45 3.41 7.38
N PHE A 220 -17.78 3.54 7.27
CA PHE A 220 -18.40 4.72 6.65
C PHE A 220 -18.03 5.96 7.45
N LEU A 221 -18.22 5.90 8.76
CA LEU A 221 -17.96 7.05 9.68
C LEU A 221 -16.48 7.43 9.65
N GLU A 222 -15.57 6.44 9.54
CA GLU A 222 -14.14 6.73 9.31
C GLU A 222 -14.00 7.48 7.96
N PHE A 223 -14.64 7.02 6.89
CA PHE A 223 -14.49 7.57 5.50
C PHE A 223 -15.05 8.98 5.48
N GLU A 224 -16.16 9.18 6.16
CA GLU A 224 -16.85 10.50 6.20
C GLU A 224 -15.90 11.54 6.82
N ALA A 225 -15.18 11.16 7.88
CA ALA A 225 -14.40 12.10 8.70
C ALA A 225 -12.99 12.31 8.11
N LEU A 226 -12.39 11.29 7.51
CA LEU A 226 -10.93 11.28 7.17
C LEU A 226 -10.67 10.83 5.72
N GLY A 227 -11.71 10.49 4.94
CA GLY A 227 -11.57 10.07 3.53
C GLY A 227 -10.96 11.14 2.66
N PHE A 228 -11.18 12.40 3.02
CA PHE A 228 -10.63 13.56 2.27
C PHE A 228 -9.10 13.43 2.07
N LEU A 229 -8.39 12.87 3.04
CA LEU A 229 -6.91 12.74 2.91
C LEU A 229 -6.57 12.01 1.60
N ASN A 230 -7.29 10.93 1.31
CA ASN A 230 -7.09 10.14 0.06
C ASN A 230 -7.91 10.71 -1.12
N GLU A 231 -9.18 11.00 -0.91
CA GLU A 231 -10.11 11.44 -2.01
C GLU A 231 -9.60 12.73 -2.66
N ASP A 232 -8.99 13.65 -1.87
CA ASP A 232 -8.51 14.96 -2.38
C ASP A 232 -6.98 15.01 -2.42
N HIS A 233 -6.31 13.85 -2.33
CA HIS A 233 -4.88 13.68 -2.73
C HIS A 233 -3.95 14.57 -1.90
N TRP A 234 -4.10 14.56 -0.59
CA TRP A 234 -3.24 15.33 0.37
C TRP A 234 -1.77 14.87 0.27
N PHE A 235 -1.54 13.60 -0.09
CA PHE A 235 -0.19 13.00 -0.20
C PHE A 235 0.24 12.83 -1.66
N SER A 236 -0.40 13.51 -2.63
CA SER A 236 0.20 13.65 -3.99
C SER A 236 1.60 14.25 -3.84
N ARG A 237 2.47 14.03 -4.81
CA ARG A 237 3.81 14.68 -4.82
C ARG A 237 3.69 16.21 -4.96
N GLU A 238 2.75 16.71 -5.77
CA GLU A 238 2.53 18.17 -5.96
C GLU A 238 2.20 18.79 -4.60
N ASN A 239 1.35 18.16 -3.82
CA ASN A 239 0.87 18.74 -2.56
C ASN A 239 1.85 18.54 -1.39
N SER A 240 2.45 17.36 -1.22
CA SER A 240 3.22 16.96 0.00
C SER A 240 4.74 16.98 -0.22
N LEU A 241 5.22 17.09 -1.46
CA LEU A 241 6.63 17.13 -1.96
C LEU A 241 7.35 15.80 -1.75
N SER A 242 7.16 15.13 -0.61
CA SER A 242 7.75 13.78 -0.32
C SER A 242 6.88 12.65 -0.86
N GLY A 243 5.57 12.85 -0.86
CA GLY A 243 4.60 11.78 -1.15
C GLY A 243 4.64 11.35 -2.60
N VAL A 244 3.97 10.24 -2.89
CA VAL A 244 3.84 9.63 -4.23
C VAL A 244 2.40 9.11 -4.42
N GLU A 245 1.45 9.60 -3.63
CA GLU A 245 0.05 9.07 -3.73
C GLU A 245 -0.51 9.38 -5.13
N GLY A 246 -1.05 8.38 -5.82
CA GLY A 246 -1.62 8.59 -7.18
C GLY A 246 -0.56 8.58 -8.26
N GLU A 247 0.71 8.33 -7.91
CA GLU A 247 1.79 8.59 -8.91
C GLU A 247 1.82 7.45 -9.92
N GLY A 248 1.81 6.17 -9.52
CA GLY A 248 1.87 5.09 -10.53
C GLY A 248 3.29 4.52 -10.67
N LEU A 249 3.39 3.22 -10.91
N LEU A 249 3.40 3.21 -10.87
CA LEU A 249 4.68 2.50 -10.92
CA LEU A 249 4.69 2.49 -10.94
C LEU A 249 5.59 3.03 -12.05
C LEU A 249 5.59 3.11 -12.02
N HIS A 250 5.00 3.52 -13.14
CA HIS A 250 5.72 4.13 -14.29
C HIS A 250 6.31 5.52 -14.00
N LYS A 251 5.99 6.09 -12.83
CA LYS A 251 6.48 7.43 -12.39
C LYS A 251 7.55 7.27 -11.31
N LEU A 252 7.49 6.20 -10.51
CA LEU A 252 8.32 6.10 -9.29
C LEU A 252 9.81 6.14 -9.63
N GLY A 253 10.24 5.49 -10.73
CA GLY A 253 11.68 5.52 -11.06
C GLY A 253 12.13 6.92 -11.46
N TYR A 254 11.33 7.60 -12.27
CA TYR A 254 11.64 9.00 -12.64
C TYR A 254 11.70 9.89 -11.38
N ILE A 255 10.84 9.65 -10.40
CA ILE A 255 10.86 10.44 -9.14
C ILE A 255 12.17 10.15 -8.40
N LEU A 256 12.58 8.89 -8.28
CA LEU A 256 13.85 8.57 -7.60
C LEU A 256 15.03 9.17 -8.37
N ARG A 257 15.02 9.17 -9.71
CA ARG A 257 16.15 9.77 -10.47
C ARG A 257 16.18 11.28 -10.20
N ASP A 258 15.02 11.93 -10.05
CA ASP A 258 14.97 13.39 -9.77
C ASP A 258 15.56 13.66 -8.36
N VAL A 259 15.24 12.84 -7.37
CA VAL A 259 15.86 12.94 -6.01
C VAL A 259 17.38 12.77 -6.15
N SER A 260 17.86 11.83 -6.97
CA SER A 260 19.31 11.55 -7.15
C SER A 260 20.04 12.78 -7.69
N LYS A 261 19.36 13.69 -8.38
CA LYS A 261 19.97 14.87 -9.05
C LYS A 261 20.31 15.96 -8.03
N LYS A 262 19.76 15.88 -6.82
CA LYS A 262 20.05 16.84 -5.73
C LYS A 262 21.50 16.65 -5.32
N GLU A 263 22.18 17.72 -4.92
CA GLU A 263 23.49 17.58 -4.24
C GLU A 263 23.21 16.96 -2.86
N GLY A 264 24.03 16.01 -2.43
CA GLY A 264 24.00 15.53 -1.04
C GLY A 264 24.70 14.21 -0.94
N GLY A 265 24.35 13.43 0.07
CA GLY A 265 25.07 12.18 0.36
C GLY A 265 24.43 10.99 -0.33
N ALA A 266 24.61 9.79 0.22
CA ALA A 266 24.03 8.53 -0.31
C ALA A 266 22.50 8.62 -0.27
N MET A 267 21.83 7.74 -1.00
CA MET A 267 20.36 7.54 -0.85
C MET A 267 20.13 6.45 0.20
N TYR A 268 19.38 6.77 1.25
CA TYR A 268 19.06 5.87 2.36
C TYR A 268 17.65 5.36 2.18
N ALA A 269 17.48 4.07 2.39
CA ALA A 269 16.17 3.39 2.25
C ALA A 269 16.02 2.41 3.38
N ASP A 270 15.96 2.91 4.61
CA ASP A 270 15.93 2.04 5.80
C ASP A 270 14.50 1.57 6.01
N ASP A 271 14.28 0.27 6.11
CA ASP A 271 12.95 -0.30 6.46
C ASP A 271 12.79 -0.28 7.99
N THR A 272 11.61 0.06 8.48
CA THR A 272 11.26 -0.04 9.92
C THR A 272 10.82 -1.48 10.21
N ALA A 273 11.23 -2.04 11.34
CA ALA A 273 10.72 -3.33 11.86
C ALA A 273 9.28 -3.13 12.40
N GLY A 274 8.27 -3.62 11.69
CA GLY A 274 6.86 -3.63 12.14
C GLY A 274 6.31 -2.23 12.38
N TRP A 275 6.34 -1.38 11.35
CA TRP A 275 5.96 0.05 11.48
C TRP A 275 4.64 0.24 12.27
N ASP A 276 3.57 -0.45 11.90
CA ASP A 276 2.20 -0.29 12.50
C ASP A 276 2.26 -0.54 14.02
N THR A 277 3.10 -1.48 14.47
CA THR A 277 3.24 -1.80 15.91
C THR A 277 4.09 -0.76 16.64
N ARG A 278 4.82 0.14 15.95
CA ARG A 278 5.70 1.17 16.58
C ARG A 278 5.04 2.55 16.60
N ILE A 279 3.78 2.68 16.18
CA ILE A 279 3.02 3.97 16.24
C ILE A 279 2.69 4.20 17.72
N THR A 280 3.24 5.27 18.30
CA THR A 280 3.07 5.58 19.73
C THR A 280 1.78 6.38 19.95
N LEU A 281 1.37 6.50 21.20
CA LEU A 281 0.22 7.39 21.52
C LEU A 281 0.62 8.83 21.17
N GLU A 282 1.90 9.21 21.26
CA GLU A 282 2.34 10.57 20.88
C GLU A 282 2.12 10.79 19.36
N ASP A 283 2.49 9.80 18.53
CA ASP A 283 2.23 9.80 17.07
C ASP A 283 0.72 10.02 16.79
N LEU A 284 -0.17 9.28 17.44
CA LEU A 284 -1.66 9.40 17.22
C LEU A 284 -2.17 10.77 17.60
N LYS A 285 -1.56 11.43 18.60
CA LYS A 285 -1.89 12.82 19.05
C LYS A 285 -1.41 13.83 18.03
N ASN A 286 -0.22 13.65 17.44
CA ASN A 286 0.25 14.55 16.37
C ASN A 286 -0.61 14.37 15.12
N GLU A 287 -0.99 13.14 14.77
CA GLU A 287 -1.87 12.88 13.61
C GLU A 287 -3.25 13.58 13.81
N GLU A 288 -3.79 13.54 15.02
N GLU A 288 -3.76 13.54 15.04
CA GLU A 288 -5.12 14.13 15.35
CA GLU A 288 -5.06 14.12 15.45
C GLU A 288 -5.12 15.66 15.12
C GLU A 288 -5.11 15.64 15.19
N MET A 289 -3.93 16.29 15.14
CA MET A 289 -3.84 17.77 14.92
C MET A 289 -4.36 18.19 13.54
N VAL A 290 -4.65 17.24 12.63
CA VAL A 290 -5.31 17.62 11.36
C VAL A 290 -6.67 18.26 11.71
N THR A 291 -7.32 17.86 12.80
CA THR A 291 -8.65 18.39 13.25
C THR A 291 -8.60 19.90 13.58
N ASN A 292 -7.42 20.42 13.92
CA ASN A 292 -7.22 21.89 14.15
C ASN A 292 -7.56 22.68 12.90
N HIS A 293 -7.63 22.03 11.74
CA HIS A 293 -7.82 22.69 10.42
C HIS A 293 -9.28 22.57 9.97
N MET A 294 -10.12 21.91 10.77
CA MET A 294 -11.53 21.63 10.42
C MET A 294 -12.46 22.58 11.20
N GLU A 295 -13.76 22.54 10.90
CA GLU A 295 -14.80 23.37 11.57
C GLU A 295 -16.11 22.58 11.61
N GLY A 296 -17.07 23.04 12.44
CA GLY A 296 -18.46 22.55 12.47
C GLY A 296 -18.56 21.09 12.86
N GLU A 297 -19.54 20.40 12.26
CA GLU A 297 -19.82 18.94 12.37
C GLU A 297 -18.53 18.15 12.03
N HIS A 298 -17.91 18.45 10.90
CA HIS A 298 -16.70 17.72 10.42
C HIS A 298 -15.67 17.62 11.56
N LYS A 299 -15.32 18.75 12.18
CA LYS A 299 -14.32 18.78 13.27
C LYS A 299 -14.73 17.80 14.37
N LYS A 300 -16.01 17.75 14.73
CA LYS A 300 -16.47 16.93 15.87
C LYS A 300 -16.44 15.47 15.46
N LEU A 301 -16.85 15.16 14.22
CA LEU A 301 -16.89 13.77 13.72
C LEU A 301 -15.46 13.19 13.62
N ALA A 302 -14.48 14.00 13.20
CA ALA A 302 -13.05 13.61 13.06
C ALA A 302 -12.43 13.44 14.45
N GLU A 303 -12.69 14.36 15.38
CA GLU A 303 -12.20 14.29 16.78
C GLU A 303 -12.66 12.97 17.41
N ALA A 304 -13.87 12.52 17.11
CA ALA A 304 -14.46 11.27 17.66
C ALA A 304 -13.77 10.06 17.04
N ILE A 305 -13.54 10.04 15.73
CA ILE A 305 -12.77 8.92 15.10
C ILE A 305 -11.43 8.78 15.86
N PHE A 306 -10.64 9.86 16.01
CA PHE A 306 -9.28 9.81 16.61
C PHE A 306 -9.39 9.37 18.08
N LYS A 307 -10.27 10.01 18.89
CA LYS A 307 -10.43 9.74 20.35
C LYS A 307 -10.95 8.33 20.61
N LEU A 308 -12.03 7.95 19.93
CA LEU A 308 -12.87 6.79 20.33
C LEU A 308 -12.41 5.52 19.63
N THR A 309 -11.87 5.60 18.41
CA THR A 309 -11.49 4.38 17.64
C THR A 309 -9.97 4.26 17.47
N TYR A 310 -9.18 5.34 17.44
CA TYR A 310 -7.72 5.24 17.11
C TYR A 310 -6.90 5.25 18.40
N GLN A 311 -7.19 6.20 19.29
CA GLN A 311 -6.47 6.38 20.58
C GLN A 311 -7.05 5.48 21.66
N ASN A 312 -8.17 4.81 21.37
CA ASN A 312 -8.80 3.75 22.19
C ASN A 312 -9.39 2.72 21.22
N LYS A 313 -8.98 1.47 21.32
CA LYS A 313 -9.37 0.42 20.35
C LYS A 313 -10.05 -0.72 21.12
N VAL A 314 -11.02 -1.37 20.49
CA VAL A 314 -11.67 -2.60 20.98
C VAL A 314 -11.59 -3.62 19.83
N VAL A 315 -11.01 -4.78 20.12
CA VAL A 315 -10.64 -5.77 19.07
C VAL A 315 -11.17 -7.15 19.47
N ARG A 316 -11.64 -7.93 18.51
CA ARG A 316 -12.06 -9.32 18.75
C ARG A 316 -11.19 -10.26 17.89
N VAL A 317 -10.60 -11.29 18.52
CA VAL A 317 -9.51 -12.14 17.95
C VAL A 317 -9.87 -13.61 18.18
N GLN A 318 -9.70 -14.46 17.16
CA GLN A 318 -9.96 -15.92 17.23
C GLN A 318 -8.75 -16.63 17.86
N ARG A 319 -8.98 -17.41 18.92
CA ARG A 319 -7.98 -18.26 19.62
C ARG A 319 -8.41 -19.72 19.57
N PRO A 320 -7.54 -20.68 19.13
CA PRO A 320 -7.93 -22.08 18.97
C PRO A 320 -8.17 -22.90 20.25
N THR A 321 -7.79 -22.36 21.42
CA THR A 321 -7.90 -23.01 22.75
C THR A 321 -9.37 -23.30 23.08
N THR A 325 -11.91 -23.13 19.64
CA THR A 325 -12.04 -21.77 19.05
C THR A 325 -12.95 -20.92 19.94
N VAL A 326 -12.39 -19.90 20.60
CA VAL A 326 -13.17 -18.84 21.32
C VAL A 326 -12.90 -17.49 20.62
N MET A 327 -13.57 -16.43 21.08
CA MET A 327 -13.34 -15.03 20.65
C MET A 327 -12.94 -14.20 21.88
N ASP A 328 -11.78 -13.56 21.84
CA ASP A 328 -11.23 -12.68 22.91
C ASP A 328 -11.56 -11.22 22.60
N ILE A 329 -11.99 -10.46 23.61
CA ILE A 329 -12.26 -9.01 23.50
C ILE A 329 -11.14 -8.29 24.24
N ILE A 330 -10.20 -7.73 23.47
CA ILE A 330 -8.98 -7.08 23.99
C ILE A 330 -9.01 -5.60 23.58
N SER A 331 -8.30 -4.74 24.29
CA SER A 331 -8.23 -3.28 24.02
C SER A 331 -6.78 -2.81 24.13
N ARG A 332 -6.42 -1.73 23.43
CA ARG A 332 -5.18 -0.96 23.69
C ARG A 332 -5.32 0.45 23.12
N ARG A 333 -4.40 1.32 23.52
CA ARG A 333 -4.47 2.77 23.25
C ARG A 333 -3.62 3.14 22.03
N ASP A 334 -2.51 2.44 21.80
CA ASP A 334 -1.50 2.82 20.77
C ASP A 334 -1.46 1.75 19.68
N GLN A 335 -0.46 1.83 18.78
CA GLN A 335 -0.35 1.08 17.52
C GLN A 335 -1.38 1.58 16.49
N ARG A 336 -1.08 1.29 15.23
CA ARG A 336 -1.95 1.61 14.08
C ARG A 336 -2.98 0.49 13.96
N GLY A 337 -4.24 0.88 13.93
CA GLY A 337 -5.42 0.05 13.63
C GLY A 337 -6.51 0.95 13.11
N SER A 338 -6.54 1.15 11.79
CA SER A 338 -7.48 2.02 11.05
C SER A 338 -7.83 1.26 9.77
N GLY A 339 -8.74 1.80 8.95
CA GLY A 339 -8.90 1.33 7.56
C GLY A 339 -7.57 1.44 6.83
N GLN A 340 -7.34 0.57 5.84
CA GLN A 340 -6.05 0.48 5.11
C GLN A 340 -5.75 1.80 4.39
N VAL A 341 -6.76 2.52 3.88
CA VAL A 341 -6.51 3.77 3.11
C VAL A 341 -6.17 4.93 4.07
N VAL A 342 -6.93 5.11 5.17
CA VAL A 342 -6.50 6.09 6.21
C VAL A 342 -5.13 5.68 6.77
N THR A 343 -4.90 4.40 7.03
CA THR A 343 -3.58 3.91 7.50
C THR A 343 -2.48 4.42 6.56
N TYR A 344 -2.67 4.32 5.24
CA TYR A 344 -1.62 4.72 4.28
C TYR A 344 -1.30 6.21 4.47
N GLY A 345 -2.30 7.08 4.54
CA GLY A 345 -2.08 8.54 4.61
C GLY A 345 -1.40 8.94 5.91
N LEU A 346 -1.83 8.39 7.04
CA LEU A 346 -1.25 8.77 8.34
C LEU A 346 0.15 8.16 8.49
N ASN A 347 0.38 6.93 8.01
CA ASN A 347 1.76 6.36 7.95
C ASN A 347 2.63 7.31 7.13
N THR A 348 2.15 7.77 5.96
CA THR A 348 2.95 8.69 5.12
C THR A 348 3.25 9.97 5.93
N PHE A 349 2.24 10.51 6.62
CA PHE A 349 2.41 11.74 7.42
C PHE A 349 3.51 11.57 8.48
N THR A 350 3.39 10.51 9.27
CA THR A 350 4.24 10.27 10.45
C THR A 350 5.65 9.90 9.96
N ASN A 351 5.75 9.22 8.81
CA ASN A 351 7.06 8.89 8.21
C ASN A 351 7.71 10.17 7.69
N MET A 352 6.94 11.08 7.07
CA MET A 352 7.53 12.34 6.60
C MET A 352 8.10 13.08 7.82
N GLU A 353 7.35 13.08 8.90
CA GLU A 353 7.71 13.82 10.15
C GLU A 353 9.02 13.22 10.70
N ALA A 354 9.04 11.92 10.91
CA ALA A 354 10.18 11.17 11.44
C ALA A 354 11.42 11.43 10.59
N GLN A 355 11.32 11.37 9.26
CA GLN A 355 12.49 11.57 8.37
C GLN A 355 12.99 13.03 8.37
N LEU A 356 12.11 14.04 8.49
CA LEU A 356 12.59 15.46 8.61
C LEU A 356 13.39 15.60 9.91
N ILE A 357 12.93 14.95 10.97
CA ILE A 357 13.61 15.04 12.31
C ILE A 357 14.95 14.32 12.19
N ARG A 358 15.00 13.14 11.56
CA ARG A 358 16.31 12.49 11.32
C ARG A 358 17.21 13.41 10.51
N GLN A 359 16.70 14.06 9.47
CA GLN A 359 17.48 15.06 8.71
C GLN A 359 17.93 16.20 9.68
N MET A 360 17.06 16.71 10.55
CA MET A 360 17.48 17.80 11.48
C MET A 360 18.66 17.30 12.34
N GLU A 361 18.56 16.08 12.88
CA GLU A 361 19.60 15.51 13.75
C GLU A 361 20.91 15.45 12.98
N GLY A 362 20.90 15.00 11.73
CA GLY A 362 22.13 14.92 10.92
C GLY A 362 22.78 16.30 10.70
N GLU A 363 21.95 17.34 10.57
CA GLU A 363 22.41 18.71 10.23
C GLU A 363 22.81 19.46 11.52
N GLY A 364 22.66 18.82 12.68
CA GLY A 364 22.97 19.45 13.98
C GLY A 364 22.02 20.58 14.34
N VAL A 365 20.71 20.44 14.08
CA VAL A 365 19.74 21.54 14.36
C VAL A 365 19.50 21.57 15.88
N PHE A 366 19.58 20.41 16.52
CA PHE A 366 19.41 20.21 17.98
C PHE A 366 20.54 19.28 18.46
N LYS A 367 20.90 19.35 19.75
CA LYS A 367 22.11 18.67 20.28
C LYS A 367 21.71 17.33 20.91
N SER A 368 20.55 17.28 21.55
CA SER A 368 20.12 16.11 22.36
C SER A 368 18.60 16.06 22.45
N ILE A 369 18.07 14.82 22.45
CA ILE A 369 16.62 14.48 22.50
C ILE A 369 16.12 14.56 23.94
N GLN A 370 17.02 14.68 24.91
CA GLN A 370 16.65 14.68 26.35
C GLN A 370 15.73 15.88 26.57
N HIS A 371 16.06 17.01 25.97
CA HIS A 371 15.37 18.31 26.19
C HIS A 371 15.81 19.28 25.08
N LEU A 372 14.83 19.96 24.52
CA LEU A 372 15.02 21.13 23.62
C LEU A 372 14.94 22.38 24.47
N THR A 373 15.88 23.31 24.28
CA THR A 373 15.81 24.70 24.81
C THR A 373 14.88 25.50 23.89
N VAL A 374 14.25 26.56 24.42
CA VAL A 374 13.29 27.41 23.62
C VAL A 374 14.06 28.06 22.46
N THR A 375 15.37 28.27 22.64
CA THR A 375 16.30 28.76 21.58
C THR A 375 16.33 27.75 20.43
N GLU A 376 16.52 26.46 20.76
CA GLU A 376 16.47 25.32 19.79
C GLU A 376 15.07 25.25 19.18
N GLU A 377 14.02 25.40 19.99
CA GLU A 377 12.61 25.38 19.51
C GLU A 377 12.49 26.37 18.34
N ILE A 378 12.92 27.62 18.53
CA ILE A 378 12.93 28.68 17.47
C ILE A 378 13.83 28.20 16.32
N ALA A 379 14.94 27.53 16.62
CA ALA A 379 15.90 26.98 15.64
C ALA A 379 15.19 25.92 14.76
N VAL A 380 14.42 25.01 15.38
CA VAL A 380 13.69 23.91 14.69
C VAL A 380 12.63 24.54 13.75
N LYS A 381 11.79 25.45 14.25
CA LYS A 381 10.75 26.13 13.41
C LYS A 381 11.42 26.87 12.26
N ASN A 382 12.53 27.56 12.51
CA ASN A 382 13.21 28.41 11.51
C ASN A 382 13.72 27.52 10.37
N TRP A 383 14.43 26.44 10.70
CA TRP A 383 14.87 25.39 9.73
C TRP A 383 13.67 24.99 8.86
N LEU A 384 12.56 24.59 9.50
CA LEU A 384 11.32 24.19 8.76
C LEU A 384 10.84 25.28 7.81
N VAL A 385 10.71 26.52 8.28
CA VAL A 385 10.24 27.68 7.47
C VAL A 385 11.22 27.93 6.31
N ARG A 386 12.52 27.91 6.57
CA ARG A 386 13.55 28.33 5.58
C ARG A 386 13.87 27.19 4.60
N VAL A 387 13.96 25.93 5.06
CA VAL A 387 14.39 24.79 4.16
C VAL A 387 13.47 23.57 4.21
N GLY A 388 12.43 23.54 5.04
CA GLY A 388 11.50 22.40 5.20
C GLY A 388 11.03 21.84 3.86
N ARG A 389 10.54 22.68 2.96
CA ARG A 389 10.02 22.24 1.65
C ARG A 389 11.16 21.63 0.81
N GLU A 390 12.37 22.20 0.85
CA GLU A 390 13.53 21.62 0.10
C GLU A 390 13.85 20.23 0.68
N ARG A 391 13.78 20.08 2.00
CA ARG A 391 14.13 18.80 2.66
C ARG A 391 13.06 17.74 2.36
N LEU A 392 11.79 18.12 2.21
CA LEU A 392 10.70 17.18 1.84
C LEU A 392 10.96 16.67 0.41
N SER A 393 11.42 17.53 -0.46
CA SER A 393 11.65 17.20 -1.89
C SER A 393 12.82 16.24 -2.01
N ARG A 394 13.61 16.02 -0.94
CA ARG A 394 14.77 15.09 -0.94
C ARG A 394 14.28 13.68 -0.63
N MET A 395 12.96 13.49 -0.47
CA MET A 395 12.42 12.21 -0.01
C MET A 395 11.32 11.69 -0.97
N ALA A 396 11.19 10.37 -1.04
CA ALA A 396 10.06 9.65 -1.63
C ALA A 396 9.51 8.72 -0.56
N ILE A 397 8.28 8.97 -0.15
CA ILE A 397 7.65 8.31 1.02
C ILE A 397 6.28 7.78 0.62
N SER A 398 6.13 6.48 0.76
CA SER A 398 4.90 5.70 0.52
C SER A 398 4.57 4.93 1.79
N GLY A 399 3.71 5.50 2.63
CA GLY A 399 3.41 4.88 3.94
C GLY A 399 4.70 4.67 4.74
N ASP A 400 4.97 3.43 5.16
CA ASP A 400 6.17 3.10 5.97
C ASP A 400 7.42 3.03 5.09
N ASP A 401 7.32 3.20 3.78
CA ASP A 401 8.46 2.98 2.86
C ASP A 401 9.08 4.32 2.54
N CYS A 402 10.38 4.53 2.77
CA CYS A 402 11.03 5.81 2.42
C CYS A 402 12.35 5.61 1.69
N VAL A 403 12.65 6.62 0.89
CA VAL A 403 13.99 6.92 0.28
C VAL A 403 14.28 8.37 0.62
N VAL A 404 15.46 8.60 1.17
CA VAL A 404 15.93 9.94 1.64
C VAL A 404 17.32 10.19 1.05
N LYS A 405 17.50 11.31 0.36
CA LYS A 405 18.84 11.82 -0.05
C LYS A 405 19.16 13.05 0.79
N PRO A 406 19.80 12.85 1.97
CA PRO A 406 20.08 13.97 2.87
C PRO A 406 21.18 14.90 2.35
N LEU A 407 21.34 16.03 3.05
CA LEU A 407 22.35 17.06 2.71
C LEU A 407 23.76 16.43 2.65
N ASP A 408 24.05 15.46 3.49
CA ASP A 408 25.38 14.79 3.56
C ASP A 408 25.20 13.50 4.35
N ASP A 409 26.27 12.74 4.57
CA ASP A 409 26.19 11.38 5.17
C ASP A 409 26.19 11.41 6.69
N ARG A 410 26.14 12.58 7.34
CA ARG A 410 25.97 12.61 8.83
C ARG A 410 24.66 11.89 9.20
N PHE A 411 23.66 11.98 8.33
CA PHE A 411 22.35 11.29 8.43
C PHE A 411 22.52 9.83 8.80
N ALA A 412 23.49 9.11 8.19
CA ALA A 412 23.73 7.65 8.40
C ALA A 412 23.82 7.29 9.90
N SER A 413 24.46 8.15 10.70
CA SER A 413 24.71 7.86 12.14
C SER A 413 23.83 8.74 13.02
N ALA A 414 22.84 9.45 12.45
CA ALA A 414 21.90 10.29 13.22
C ALA A 414 20.73 9.42 13.65
N LEU A 415 20.85 8.70 14.77
CA LEU A 415 19.93 7.59 15.15
C LEU A 415 19.17 7.87 16.46
N THR A 416 19.52 8.89 17.23
CA THR A 416 18.93 9.04 18.60
C THR A 416 17.43 9.32 18.49
N ALA A 417 17.00 10.30 17.67
CA ALA A 417 15.56 10.62 17.52
C ALA A 417 14.81 9.42 16.91
N LEU A 418 15.37 8.80 15.85
CA LEU A 418 14.68 7.70 15.13
C LEU A 418 14.41 6.56 16.09
N ASN A 419 15.39 6.17 16.90
CA ASN A 419 15.25 5.04 17.85
C ASN A 419 14.29 5.48 18.96
N ASP A 420 14.40 6.70 19.46
CA ASP A 420 13.57 7.16 20.61
C ASP A 420 12.10 7.35 20.17
N MET A 421 11.83 7.67 18.91
CA MET A 421 10.43 7.75 18.37
C MET A 421 9.86 6.34 18.24
N GLY A 422 10.67 5.30 18.39
CA GLY A 422 10.29 3.88 18.27
C GLY A 422 10.44 3.32 16.86
N LYS A 423 10.93 4.12 15.91
CA LYS A 423 11.04 3.69 14.48
C LYS A 423 12.37 2.96 14.24
N VAL A 424 12.52 1.85 14.95
CA VAL A 424 13.75 1.00 14.96
C VAL A 424 13.89 0.33 13.60
N ARG A 425 15.09 0.41 13.03
CA ARG A 425 15.42 -0.10 11.68
C ARG A 425 15.43 -1.62 11.75
N LYS A 426 14.98 -2.25 10.67
CA LYS A 426 15.01 -3.71 10.42
C LYS A 426 16.44 -4.19 10.07
N ASP A 427 16.88 -5.34 10.57
CA ASP A 427 18.04 -6.11 10.00
C ASP A 427 19.35 -5.32 10.12
N ILE A 428 19.56 -4.63 11.25
CA ILE A 428 20.77 -3.83 11.58
C ILE A 428 20.72 -3.57 13.09
N GLN A 429 21.85 -3.51 13.75
CA GLN A 429 21.89 -3.29 15.22
C GLN A 429 21.59 -1.83 15.48
N GLN A 430 21.02 -1.56 16.64
CA GLN A 430 20.34 -0.29 16.96
C GLN A 430 21.26 0.89 16.67
N TRP A 431 22.58 0.77 16.89
CA TRP A 431 23.46 1.96 16.88
C TRP A 431 24.45 1.88 15.72
N GLU A 432 24.34 0.87 14.86
CA GLU A 432 25.18 0.70 13.65
C GLU A 432 24.67 1.70 12.61
N PRO A 433 25.57 2.49 11.99
CA PRO A 433 25.18 3.49 11.01
C PRO A 433 24.51 2.85 9.79
N SER A 434 23.48 3.51 9.23
CA SER A 434 22.80 3.05 8.00
C SER A 434 23.80 2.92 6.86
N ARG A 435 23.68 1.89 6.02
CA ARG A 435 24.39 1.85 4.71
C ARG A 435 23.49 2.45 3.62
N GLY A 436 24.00 3.41 2.88
CA GLY A 436 23.29 4.12 1.81
C GLY A 436 23.57 3.48 0.47
N TRP A 437 22.85 3.91 -0.56
CA TRP A 437 23.02 3.42 -1.94
C TRP A 437 23.69 4.53 -2.71
N ASN A 438 24.72 4.18 -3.48
CA ASN A 438 25.45 5.17 -4.29
C ASN A 438 24.79 5.38 -5.64
N ASP A 439 23.84 4.54 -6.04
CA ASP A 439 23.29 4.60 -7.42
C ASP A 439 21.78 4.41 -7.29
N TRP A 440 21.01 5.37 -7.79
CA TRP A 440 19.53 5.40 -7.69
C TRP A 440 18.92 4.14 -8.34
N THR A 441 19.63 3.52 -9.29
CA THR A 441 19.15 2.28 -9.97
C THR A 441 19.24 1.05 -9.08
N GLN A 442 19.89 1.18 -7.93
CA GLN A 442 20.08 0.08 -6.93
C GLN A 442 19.04 0.19 -5.80
N VAL A 443 18.52 1.40 -5.56
CA VAL A 443 17.68 1.71 -4.36
C VAL A 443 16.39 0.90 -4.39
N PRO A 444 16.02 0.18 -3.30
CA PRO A 444 14.70 -0.44 -3.25
C PRO A 444 13.59 0.57 -2.88
N PHE A 445 12.42 0.47 -3.51
CA PHE A 445 11.26 1.34 -3.15
C PHE A 445 9.98 0.69 -3.63
N CYS A 446 8.98 0.56 -2.77
CA CYS A 446 7.64 -0.02 -3.14
C CYS A 446 7.82 -1.39 -3.83
N SER A 447 8.71 -2.20 -3.27
CA SER A 447 9.01 -3.62 -3.66
C SER A 447 9.70 -3.69 -5.04
N HIS A 448 10.20 -2.59 -5.58
CA HIS A 448 10.85 -2.54 -6.91
C HIS A 448 12.27 -1.97 -6.83
N HIS A 449 13.00 -2.12 -7.93
CA HIS A 449 14.15 -1.26 -8.30
C HIS A 449 13.85 -0.73 -9.69
N PHE A 450 14.69 0.16 -10.20
CA PHE A 450 14.37 0.90 -11.45
C PHE A 450 15.59 0.89 -12.37
N HIS A 451 15.33 0.66 -13.65
CA HIS A 451 16.38 0.61 -14.69
C HIS A 451 16.25 1.83 -15.59
N GLU A 452 17.37 2.33 -16.10
CA GLU A 452 17.40 3.36 -17.17
C GLU A 452 17.54 2.62 -18.50
N LEU A 453 16.62 2.79 -19.42
CA LEU A 453 16.55 1.91 -20.63
C LEU A 453 16.50 2.83 -21.86
N ILE A 454 17.48 2.70 -22.75
CA ILE A 454 17.58 3.66 -23.89
C ILE A 454 16.95 3.02 -25.12
N MET A 455 15.95 3.69 -25.66
CA MET A 455 15.24 3.26 -26.90
C MET A 455 16.21 3.41 -28.07
N LYS A 456 16.01 2.58 -29.11
N LYS A 456 16.01 2.59 -29.11
CA LYS A 456 16.81 2.60 -30.36
CA LYS A 456 16.85 2.62 -30.34
C LYS A 456 16.84 4.04 -30.92
C LYS A 456 16.86 4.05 -30.90
N ASP A 457 15.78 4.82 -30.69
CA ASP A 457 15.69 6.22 -31.19
C ASP A 457 16.32 7.23 -30.21
N GLY A 458 17.02 6.78 -29.16
CA GLY A 458 17.73 7.68 -28.24
C GLY A 458 16.92 8.12 -27.03
N ARG A 459 15.59 7.94 -27.00
CA ARG A 459 14.80 8.51 -25.89
C ARG A 459 15.00 7.60 -24.66
N VAL A 460 14.79 8.15 -23.48
CA VAL A 460 15.10 7.47 -22.20
C VAL A 460 13.85 7.06 -21.44
N LEU A 461 13.74 5.75 -21.16
CA LEU A 461 12.67 5.22 -20.29
C LEU A 461 13.27 4.89 -18.91
N VAL A 462 12.57 5.23 -17.85
CA VAL A 462 12.93 4.74 -16.50
C VAL A 462 11.85 3.76 -16.08
N VAL A 463 12.21 2.48 -15.99
CA VAL A 463 11.23 1.38 -15.88
C VAL A 463 11.28 0.68 -14.52
N PRO A 464 10.12 0.22 -14.03
CA PRO A 464 10.05 -0.56 -12.79
C PRO A 464 10.45 -2.03 -13.01
N CYS A 465 11.00 -2.66 -11.99
CA CYS A 465 11.52 -4.05 -12.13
C CYS A 465 11.51 -4.72 -10.76
N ARG A 466 11.34 -6.03 -10.73
CA ARG A 466 11.62 -6.84 -9.54
C ARG A 466 11.89 -8.25 -10.01
N ASN A 467 12.42 -9.07 -9.12
CA ASN A 467 12.81 -10.45 -9.47
C ASN A 467 11.60 -11.11 -10.19
N GLN A 468 11.83 -11.76 -11.33
CA GLN A 468 10.72 -12.21 -12.21
C GLN A 468 9.94 -13.38 -11.57
N ASP A 469 10.58 -14.16 -10.70
CA ASP A 469 9.89 -15.26 -9.97
C ASP A 469 8.74 -14.65 -9.15
N GLU A 470 8.94 -13.48 -8.53
CA GLU A 470 7.89 -12.81 -7.72
C GLU A 470 6.71 -12.43 -8.61
N LEU A 471 6.99 -11.92 -9.80
CA LEU A 471 5.92 -11.48 -10.71
C LEU A 471 5.10 -12.67 -11.22
N ILE A 472 5.78 -13.71 -11.67
CA ILE A 472 5.09 -14.92 -12.19
C ILE A 472 4.34 -15.62 -11.08
N GLY A 473 4.96 -15.75 -9.93
CA GLY A 473 4.32 -16.45 -8.80
C GLY A 473 3.06 -15.73 -8.33
N ARG A 474 3.05 -14.41 -8.31
CA ARG A 474 1.85 -13.63 -7.90
C ARG A 474 0.72 -13.75 -8.95
N ALA A 475 1.04 -13.70 -10.25
CA ALA A 475 0.04 -13.79 -11.35
C ALA A 475 -0.61 -15.17 -11.37
N ARG A 476 0.04 -16.20 -10.80
CA ARG A 476 -0.49 -17.59 -10.75
C ARG A 476 -1.44 -17.80 -9.57
N ILE A 477 -1.69 -16.76 -8.76
CA ILE A 477 -2.53 -16.88 -7.55
C ILE A 477 -3.80 -16.03 -7.67
N SER A 478 -4.89 -16.58 -7.15
N SER A 478 -4.91 -16.55 -7.15
CA SER A 478 -6.21 -15.92 -6.94
CA SER A 478 -6.20 -15.83 -6.96
C SER A 478 -6.57 -15.99 -5.47
C SER A 478 -6.74 -16.11 -5.56
N GLN A 479 -7.55 -15.20 -5.03
CA GLN A 479 -8.10 -15.27 -3.66
C GLN A 479 -9.60 -15.45 -3.81
N GLY A 480 -10.23 -16.25 -2.94
CA GLY A 480 -11.70 -16.37 -2.84
C GLY A 480 -12.26 -17.52 -3.67
N ALA A 481 -13.56 -17.73 -3.51
CA ALA A 481 -14.33 -18.87 -4.05
C ALA A 481 -15.23 -18.41 -5.21
N GLY A 482 -15.77 -19.37 -5.94
CA GLY A 482 -16.83 -19.19 -6.94
C GLY A 482 -16.29 -18.56 -8.21
N TRP A 483 -14.99 -18.68 -8.50
CA TRP A 483 -14.43 -18.16 -9.79
C TRP A 483 -14.91 -19.04 -10.96
N SER A 484 -15.67 -18.47 -11.88
CA SER A 484 -15.90 -19.10 -13.18
C SER A 484 -14.59 -19.17 -13.98
N LEU A 485 -14.58 -19.95 -15.06
CA LEU A 485 -13.44 -19.97 -16.01
C LEU A 485 -13.28 -18.59 -16.66
N ARG A 486 -14.40 -17.93 -17.00
CA ARG A 486 -14.36 -16.60 -17.60
C ARG A 486 -13.74 -15.61 -16.60
N GLU A 487 -14.16 -15.65 -15.34
CA GLU A 487 -13.61 -14.69 -14.34
C GLU A 487 -12.11 -14.97 -14.16
N THR A 488 -11.72 -16.25 -14.16
CA THR A 488 -10.29 -16.63 -13.97
C THR A 488 -9.50 -16.10 -15.17
N ALA A 489 -10.01 -16.30 -16.39
CA ALA A 489 -9.38 -15.78 -17.62
C ALA A 489 -9.20 -14.25 -17.56
N CYS A 490 -10.22 -13.54 -17.09
CA CYS A 490 -10.21 -12.05 -17.08
C CYS A 490 -9.18 -11.56 -16.02
N LEU A 491 -9.00 -12.27 -14.91
CA LEU A 491 -7.91 -11.95 -13.94
C LEU A 491 -6.54 -12.21 -14.58
N GLY A 492 -6.37 -13.29 -15.33
CA GLY A 492 -5.11 -13.52 -16.04
C GLY A 492 -4.82 -12.42 -17.02
N LYS A 493 -5.84 -11.95 -17.72
CA LYS A 493 -5.72 -10.82 -18.68
C LYS A 493 -5.31 -9.53 -17.96
N SER A 494 -5.83 -9.25 -16.77
CA SER A 494 -5.35 -8.08 -15.95
C SER A 494 -3.84 -8.20 -15.73
N TYR A 495 -3.34 -9.35 -15.27
CA TYR A 495 -1.88 -9.51 -15.03
C TYR A 495 -1.12 -9.29 -16.33
N ALA A 496 -1.56 -9.91 -17.42
CA ALA A 496 -0.90 -9.82 -18.74
C ALA A 496 -0.80 -8.36 -19.19
N GLN A 497 -1.87 -7.60 -19.11
CA GLN A 497 -1.86 -6.19 -19.55
C GLN A 497 -0.99 -5.33 -18.62
N MET A 498 -0.94 -5.65 -17.30
CA MET A 498 0.02 -4.97 -16.38
C MET A 498 1.44 -5.27 -16.85
N TRP A 499 1.73 -6.52 -17.17
CA TRP A 499 3.10 -6.86 -17.64
C TRP A 499 3.46 -6.09 -18.94
N SER A 500 2.54 -6.01 -19.91
N SER A 500 2.53 -6.00 -19.90
CA SER A 500 2.76 -5.29 -21.19
CA SER A 500 2.73 -5.30 -21.20
C SER A 500 3.10 -3.81 -20.91
C SER A 500 3.04 -3.80 -20.96
N LEU A 501 2.41 -3.21 -19.92
CA LEU A 501 2.61 -1.75 -19.63
C LEU A 501 3.83 -1.46 -18.73
N MET A 502 4.11 -2.26 -17.71
CA MET A 502 5.11 -1.97 -16.68
C MET A 502 6.37 -2.79 -16.92
N TYR A 503 6.24 -4.02 -17.43
CA TYR A 503 7.39 -4.99 -17.44
C TYR A 503 7.69 -5.50 -18.86
N PHE A 504 7.32 -4.71 -19.88
CA PHE A 504 7.54 -5.01 -21.33
C PHE A 504 9.02 -5.29 -21.61
N HIS A 505 9.91 -4.74 -20.78
CA HIS A 505 11.38 -4.83 -20.91
C HIS A 505 11.94 -6.17 -20.46
N ARG A 506 11.11 -7.05 -19.89
CA ARG A 506 11.49 -8.43 -19.44
C ARG A 506 11.03 -9.37 -20.54
N ARG A 507 11.97 -9.99 -21.27
CA ARG A 507 11.67 -10.86 -22.43
C ARG A 507 10.55 -11.86 -22.09
N ASP A 508 10.64 -12.59 -20.97
CA ASP A 508 9.70 -13.68 -20.64
C ASP A 508 8.30 -13.10 -20.39
N LEU A 509 8.21 -11.91 -19.79
CA LEU A 509 6.88 -11.36 -19.43
C LEU A 509 6.26 -10.77 -20.69
N ARG A 510 7.02 -10.18 -21.60
CA ARG A 510 6.37 -9.64 -22.82
C ARG A 510 5.77 -10.83 -23.59
N LEU A 511 6.52 -11.95 -23.67
CA LEU A 511 6.07 -13.16 -24.39
C LEU A 511 4.84 -13.76 -23.70
N ALA A 512 4.89 -13.94 -22.38
CA ALA A 512 3.78 -14.58 -21.63
C ALA A 512 2.53 -13.66 -21.66
N ALA A 513 2.71 -12.35 -21.61
CA ALA A 513 1.60 -11.38 -21.71
C ALA A 513 0.91 -11.49 -23.08
N ASN A 514 1.71 -11.52 -24.15
CA ASN A 514 1.15 -11.75 -25.52
C ASN A 514 0.42 -13.09 -25.60
N ALA A 515 0.94 -14.16 -25.00
CA ALA A 515 0.31 -15.50 -25.02
C ALA A 515 -1.03 -15.43 -24.27
N ILE A 516 -1.08 -14.85 -23.08
CA ILE A 516 -2.32 -14.80 -22.27
C ILE A 516 -3.36 -13.97 -23.05
N CYS A 517 -2.97 -12.82 -23.57
CA CYS A 517 -3.92 -11.94 -24.32
C CYS A 517 -4.39 -12.65 -25.60
N SER A 518 -3.60 -13.56 -26.15
CA SER A 518 -4.00 -14.34 -27.37
C SER A 518 -4.99 -15.44 -26.96
N ALA A 519 -4.89 -15.94 -25.72
CA ALA A 519 -5.61 -17.12 -25.22
C ALA A 519 -6.96 -16.72 -24.62
N VAL A 520 -7.13 -15.46 -24.25
CA VAL A 520 -8.37 -14.97 -23.62
C VAL A 520 -9.16 -14.24 -24.71
N PRO A 521 -10.50 -14.47 -24.85
CA PRO A 521 -11.25 -13.74 -25.87
C PRO A 521 -10.96 -12.24 -25.87
N SER A 522 -10.76 -11.68 -27.05
N SER A 522 -10.77 -11.70 -27.08
CA SER A 522 -10.26 -10.30 -27.27
CA SER A 522 -10.33 -10.31 -27.36
C SER A 522 -11.14 -9.26 -26.57
C SER A 522 -11.13 -9.28 -26.58
N HIS A 523 -12.47 -9.43 -26.55
CA HIS A 523 -13.40 -8.43 -25.96
C HIS A 523 -13.69 -8.65 -24.48
N TRP A 524 -13.20 -9.72 -23.88
CA TRP A 524 -13.44 -9.95 -22.44
C TRP A 524 -12.67 -8.92 -21.61
N VAL A 525 -13.34 -8.37 -20.61
CA VAL A 525 -12.88 -7.20 -19.84
C VAL A 525 -12.01 -7.70 -18.69
N PRO A 526 -10.79 -7.20 -18.54
CA PRO A 526 -10.00 -7.55 -17.36
C PRO A 526 -10.66 -7.20 -16.03
N THR A 527 -10.49 -8.06 -15.04
CA THR A 527 -11.12 -7.93 -13.70
C THR A 527 -10.10 -8.19 -12.61
N SER A 528 -10.43 -7.65 -11.46
CA SER A 528 -9.81 -7.90 -10.14
C SER A 528 -10.98 -7.92 -9.16
N ARG A 529 -10.88 -8.63 -8.04
CA ARG A 529 -11.83 -8.51 -6.90
C ARG A 529 -11.34 -7.45 -5.91
N THR A 530 -10.03 -7.27 -5.75
CA THR A 530 -9.39 -6.15 -4.98
C THR A 530 -8.66 -5.21 -5.96
N THR A 531 -9.11 -3.96 -6.05
CA THR A 531 -8.59 -2.93 -6.99
C THR A 531 -7.49 -2.09 -6.31
N ALA A 536 -2.15 3.48 -6.35
CA ALA A 536 -1.50 3.71 -7.66
C ALA A 536 -2.55 3.69 -8.78
N THR A 537 -2.15 4.14 -9.98
CA THR A 537 -3.01 4.20 -11.19
C THR A 537 -2.90 2.85 -11.91
N HIS A 538 -4.04 2.28 -12.32
N HIS A 538 -4.04 2.28 -12.32
CA HIS A 538 -4.13 0.94 -12.96
CA HIS A 538 -4.16 0.95 -12.96
C HIS A 538 -4.55 1.11 -14.43
C HIS A 538 -4.56 1.12 -14.43
N GLU A 539 -3.66 1.65 -15.25
CA GLU A 539 -3.95 1.96 -16.68
C GLU A 539 -4.13 0.69 -17.51
N TRP A 540 -3.65 -0.48 -17.01
CA TRP A 540 -3.82 -1.74 -17.74
C TRP A 540 -5.26 -2.26 -17.61
N MET A 541 -6.09 -1.65 -16.76
CA MET A 541 -7.46 -2.15 -16.55
C MET A 541 -8.38 -1.48 -17.60
N THR A 542 -8.44 -2.07 -18.79
CA THR A 542 -9.07 -1.44 -19.99
C THR A 542 -9.15 -2.47 -21.11
N THR A 543 -10.05 -2.28 -22.09
CA THR A 543 -10.09 -3.11 -23.30
C THR A 543 -9.50 -2.34 -24.49
N GLU A 544 -8.98 -1.12 -24.26
CA GLU A 544 -8.22 -0.37 -25.29
C GLU A 544 -6.98 -1.16 -25.70
N ASP A 545 -6.54 -0.99 -26.93
CA ASP A 545 -5.34 -1.62 -27.51
C ASP A 545 -4.12 -1.28 -26.61
N MET A 546 -3.28 -2.25 -26.23
CA MET A 546 -2.19 -1.99 -25.23
C MET A 546 -1.09 -1.13 -25.85
N LEU A 547 -0.92 -1.13 -27.17
CA LEU A 547 0.09 -0.22 -27.79
C LEU A 547 -0.36 1.23 -27.60
N THR A 548 -1.65 1.50 -27.78
CA THR A 548 -2.22 2.85 -27.62
C THR A 548 -2.02 3.31 -26.16
N VAL A 549 -2.32 2.44 -25.21
CA VAL A 549 -2.12 2.75 -23.77
C VAL A 549 -0.63 2.96 -23.49
N TRP A 550 0.24 2.12 -24.06
CA TRP A 550 1.70 2.28 -23.84
C TRP A 550 2.13 3.68 -24.29
N ASN A 551 1.74 4.08 -25.50
CA ASN A 551 2.05 5.42 -26.03
C ASN A 551 1.54 6.51 -25.10
N ARG A 552 0.30 6.42 -24.62
CA ARG A 552 -0.29 7.45 -23.74
C ARG A 552 0.57 7.57 -22.47
N VAL A 553 0.93 6.45 -21.84
CA VAL A 553 1.56 6.43 -20.50
C VAL A 553 3.04 6.83 -20.61
N TRP A 554 3.77 6.26 -21.57
CA TRP A 554 5.25 6.35 -21.63
C TRP A 554 5.71 7.52 -22.49
N ILE A 555 4.84 8.04 -23.39
CA ILE A 555 5.24 9.14 -24.33
C ILE A 555 4.37 10.37 -24.06
N GLN A 556 3.08 10.30 -24.39
CA GLN A 556 2.20 11.50 -24.47
C GLN A 556 2.15 12.19 -23.09
N GLU A 557 1.81 11.45 -22.04
CA GLU A 557 1.54 12.01 -20.69
C GLU A 557 2.79 11.95 -19.80
N ASN A 558 3.92 11.51 -20.33
CA ASN A 558 5.16 11.34 -19.54
C ASN A 558 5.89 12.69 -19.46
N PRO A 559 5.89 13.40 -18.32
CA PRO A 559 6.48 14.74 -18.27
C PRO A 559 8.02 14.72 -18.37
N TRP A 560 8.65 13.55 -18.28
CA TRP A 560 10.12 13.45 -18.48
C TRP A 560 10.51 13.16 -19.94
N MET A 561 9.55 13.00 -20.86
CA MET A 561 9.77 12.69 -22.31
C MET A 561 9.48 13.96 -23.12
N GLU A 562 10.50 14.68 -23.59
CA GLU A 562 10.30 15.94 -24.35
C GLU A 562 9.77 15.64 -25.77
N ASP A 563 10.33 14.66 -26.47
CA ASP A 563 9.92 14.27 -27.85
C ASP A 563 8.66 13.41 -27.77
N LYS A 564 7.54 13.88 -28.29
CA LYS A 564 6.24 13.18 -28.16
C LYS A 564 5.96 12.30 -29.40
N THR A 565 6.97 11.95 -30.18
CA THR A 565 6.75 11.11 -31.40
C THR A 565 6.21 9.75 -30.97
N PRO A 566 5.00 9.34 -31.42
CA PRO A 566 4.41 8.05 -31.03
C PRO A 566 5.26 6.89 -31.53
N VAL A 567 5.22 5.78 -30.79
CA VAL A 567 5.81 4.50 -31.22
C VAL A 567 4.76 3.80 -32.09
N GLU A 568 5.16 3.22 -33.22
CA GLU A 568 4.22 2.64 -34.23
C GLU A 568 4.07 1.13 -34.03
N SER A 569 5.03 0.46 -33.36
CA SER A 569 4.95 -1.00 -33.15
C SER A 569 5.70 -1.38 -31.88
N TRP A 570 5.35 -2.54 -31.35
CA TRP A 570 6.03 -3.09 -30.15
C TRP A 570 7.53 -3.31 -30.44
N GLU A 571 7.95 -3.47 -31.69
CA GLU A 571 9.39 -3.76 -31.98
C GLU A 571 10.26 -2.54 -31.69
N GLU A 572 9.71 -1.34 -31.69
CA GLU A 572 10.43 -0.09 -31.30
C GLU A 572 10.65 -0.05 -29.77
N ILE A 573 9.96 -0.89 -29.00
CA ILE A 573 9.99 -0.77 -27.51
C ILE A 573 11.07 -1.73 -27.02
N PRO A 574 12.12 -1.24 -26.32
CA PRO A 574 13.28 -2.07 -25.99
C PRO A 574 13.09 -3.03 -24.81
N TYR A 575 14.02 -3.96 -24.68
CA TYR A 575 14.23 -4.85 -23.52
C TYR A 575 15.44 -4.40 -22.72
N LEU A 576 15.56 -4.85 -21.47
CA LEU A 576 16.84 -4.81 -20.74
C LEU A 576 17.89 -5.53 -21.59
N GLY A 577 19.17 -5.30 -21.32
CA GLY A 577 20.25 -6.18 -21.82
C GLY A 577 19.95 -7.63 -21.47
N LYS A 578 20.38 -8.57 -22.31
CA LYS A 578 20.10 -10.00 -22.02
C LYS A 578 20.70 -10.41 -20.67
N ARG A 579 21.91 -9.98 -20.32
CA ARG A 579 22.55 -10.38 -19.06
C ARG A 579 21.78 -9.75 -17.88
N GLU A 580 21.36 -8.51 -18.03
CA GLU A 580 20.57 -7.80 -16.97
C GLU A 580 19.22 -8.53 -16.76
N ASP A 581 18.62 -9.02 -17.83
CA ASP A 581 17.30 -9.71 -17.77
C ASP A 581 17.50 -11.00 -16.98
N GLN A 582 18.61 -11.72 -17.23
CA GLN A 582 18.95 -12.95 -16.47
C GLN A 582 19.21 -12.60 -15.01
N TRP A 583 19.97 -11.54 -14.73
CA TRP A 583 20.23 -11.07 -13.34
C TRP A 583 18.90 -10.91 -12.57
N CYS A 584 17.89 -10.33 -13.24
CA CYS A 584 16.58 -10.05 -12.62
C CYS A 584 15.59 -11.22 -12.79
N GLY A 585 16.09 -12.44 -13.10
CA GLY A 585 15.40 -13.74 -12.96
C GLY A 585 14.89 -14.31 -14.27
N SER A 586 15.23 -13.76 -15.44
CA SER A 586 14.82 -14.32 -16.76
C SER A 586 15.31 -15.77 -16.91
N LEU A 587 14.52 -16.57 -17.61
CA LEU A 587 14.91 -17.95 -18.01
C LEU A 587 15.48 -17.97 -19.42
N ILE A 588 15.68 -16.82 -20.08
CA ILE A 588 16.28 -16.75 -21.44
C ILE A 588 17.63 -17.50 -21.38
N GLY A 589 17.86 -18.45 -22.28
CA GLY A 589 19.10 -19.26 -22.27
C GLY A 589 18.85 -20.68 -21.80
N LEU A 590 17.74 -20.97 -21.13
CA LEU A 590 17.41 -22.34 -20.67
C LEU A 590 16.67 -23.07 -21.79
N THR A 591 16.92 -24.37 -21.85
CA THR A 591 16.21 -25.28 -22.78
C THR A 591 14.70 -25.26 -22.52
N SER A 592 14.26 -25.36 -21.28
CA SER A 592 12.81 -25.29 -20.92
C SER A 592 12.19 -24.03 -21.54
N ARG A 593 12.87 -22.88 -21.45
CA ARG A 593 12.30 -21.58 -21.91
C ARG A 593 12.23 -21.59 -23.45
N ALA A 594 13.28 -22.10 -24.12
CA ALA A 594 13.35 -22.14 -25.59
C ALA A 594 12.19 -23.01 -26.15
N THR A 595 11.90 -24.13 -25.50
CA THR A 595 10.83 -25.05 -25.94
C THR A 595 9.48 -24.35 -25.74
N TRP A 596 9.31 -23.70 -24.59
CA TRP A 596 8.07 -22.92 -24.32
C TRP A 596 7.86 -21.87 -25.42
N ALA A 597 8.85 -21.01 -25.70
CA ALA A 597 8.75 -19.90 -26.67
C ALA A 597 8.44 -20.47 -28.07
N LYS A 598 9.16 -21.51 -28.46
CA LYS A 598 9.00 -22.11 -29.82
C LYS A 598 7.59 -22.67 -29.99
N ASN A 599 7.06 -23.34 -28.99
CA ASN A 599 5.79 -24.09 -29.02
C ASN A 599 4.64 -23.26 -28.43
N ILE A 600 4.76 -21.95 -28.33
CA ILE A 600 3.76 -21.14 -27.55
C ILE A 600 2.33 -21.26 -28.15
N GLN A 601 2.21 -21.38 -29.47
N GLN A 601 2.21 -21.40 -29.48
CA GLN A 601 0.87 -21.47 -30.13
CA GLN A 601 0.87 -21.45 -30.13
C GLN A 601 0.10 -22.71 -29.62
C GLN A 601 0.11 -22.72 -29.66
N THR A 602 0.86 -23.80 -29.34
CA THR A 602 0.27 -25.04 -28.76
C THR A 602 -0.31 -24.77 -27.37
N ALA A 603 0.35 -23.96 -26.54
CA ALA A 603 -0.13 -23.63 -25.18
C ALA A 603 -1.35 -22.73 -25.30
N ILE A 604 -1.26 -21.77 -26.23
CA ILE A 604 -2.37 -20.79 -26.46
C ILE A 604 -3.62 -21.60 -26.86
N ASN A 605 -3.42 -22.57 -27.77
CA ASN A 605 -4.52 -23.41 -28.31
C ASN A 605 -5.08 -24.31 -27.21
N GLN A 606 -4.27 -24.78 -26.25
CA GLN A 606 -4.80 -25.57 -25.14
C GLN A 606 -5.81 -24.74 -24.36
N VAL A 607 -5.45 -23.52 -23.99
CA VAL A 607 -6.33 -22.63 -23.22
C VAL A 607 -7.56 -22.24 -24.06
N ARG A 608 -7.38 -21.90 -25.34
CA ARG A 608 -8.55 -21.58 -26.20
C ARG A 608 -9.54 -22.76 -26.26
N SER A 609 -9.04 -23.99 -26.34
CA SER A 609 -9.90 -25.19 -26.39
C SER A 609 -10.68 -25.33 -25.08
N LEU A 610 -10.09 -24.99 -23.93
CA LEU A 610 -10.81 -25.08 -22.63
C LEU A 610 -11.89 -24.00 -22.56
N ILE A 611 -11.60 -22.78 -23.01
CA ILE A 611 -12.54 -21.64 -22.89
C ILE A 611 -13.67 -21.86 -23.91
N GLY A 612 -13.34 -22.35 -25.10
CA GLY A 612 -14.31 -22.77 -26.13
C GLY A 612 -14.30 -21.86 -27.35
N ASN A 613 -15.39 -21.89 -28.10
CA ASN A 613 -15.48 -21.23 -29.42
C ASN A 613 -15.85 -19.75 -29.24
N GLU A 614 -14.85 -18.89 -29.13
CA GLU A 614 -15.00 -17.46 -28.77
C GLU A 614 -14.21 -16.72 -29.84
N GLU A 615 -14.25 -15.41 -29.83
CA GLU A 615 -13.44 -14.59 -30.78
C GLU A 615 -12.13 -14.31 -30.05
N TYR A 616 -11.01 -14.73 -30.65
CA TYR A 616 -9.63 -14.51 -30.16
C TYR A 616 -8.84 -13.72 -31.20
N THR A 617 -7.81 -13.00 -30.75
CA THR A 617 -6.79 -12.28 -31.58
C THR A 617 -5.43 -12.94 -31.34
N ASP A 618 -4.64 -13.12 -32.39
CA ASP A 618 -3.23 -13.55 -32.25
C ASP A 618 -2.35 -12.30 -32.03
N TYR A 619 -1.81 -12.09 -30.83
CA TYR A 619 -0.87 -10.99 -30.56
C TYR A 619 0.60 -11.43 -30.70
N MET A 620 0.92 -12.71 -30.94
CA MET A 620 2.32 -13.17 -30.98
C MET A 620 3.12 -12.48 -32.11
N PRO A 621 2.60 -12.29 -33.36
CA PRO A 621 3.36 -11.58 -34.41
C PRO A 621 3.72 -10.10 -34.18
N SER A 622 3.24 -9.47 -33.08
CA SER A 622 3.74 -8.17 -32.56
C SER A 622 5.21 -8.30 -32.10
N MET A 623 5.70 -9.54 -31.96
CA MET A 623 7.10 -9.85 -31.58
C MET A 623 7.87 -10.31 -32.83
N LYS A 624 9.10 -9.82 -33.03
CA LYS A 624 9.94 -10.08 -34.23
C LYS A 624 10.00 -11.58 -34.54
N ARG A 625 10.24 -12.45 -33.54
CA ARG A 625 10.50 -13.90 -33.79
C ARG A 625 9.25 -14.64 -34.31
N PHE A 626 8.03 -14.16 -34.08
CA PHE A 626 6.78 -14.82 -34.55
C PHE A 626 6.28 -14.08 -35.81
N ARG A 627 6.91 -12.94 -36.11
CA ARG A 627 6.65 -12.16 -37.34
C ARG A 627 7.44 -12.81 -38.49
N ARG A 628 7.03 -14.03 -38.88
CA ARG A 628 7.61 -14.83 -40.01
C ARG A 628 9.11 -15.05 -39.81
#